data_3HL1
#
_entry.id   3HL1
#
_cell.length_a   54.633
_cell.length_b   44.017
_cell.length_c   119.381
_cell.angle_alpha   90.000
_cell.angle_beta   96.170
_cell.angle_gamma   90.000
#
_symmetry.space_group_name_H-M   'P 1 21 1'
#
loop_
_entity.id
_entity.type
_entity.pdbx_description
1 polymer 'Ferritin like protein'
2 non-polymer 'UNKNOWN LIGAND'
3 water water
#
_entity_poly.entity_id   1
_entity_poly.type   'polypeptide(L)'
_entity_poly.pdbx_seq_one_letter_code
;G(MSE)PPVWTLPRLYQHFQGAIDLELWTIPYYLTVLYSIKDPTTVPYRLIQAAVYQE(MSE)LHAQLVSNIANAYGYSP
TLSAPEYVGTAVPHIDFDLDTPNPTSIFTPYSAELGPLDLTRVNT(MSE)CLIEYPEWRTQREPDLADDVTDYGSIGEFY
DALRVG(MSE)EQLRGHVRGNQKQ(MSE)DEFGPFYQNSPPLTVTESGDAGFLQALTLVDIIVDQGEGQTQPVETIPTEF
QNTADGFQDAWPHFQRFDFIRR(MSE)PNWPGVYTGVTDPPAGSPGAEAQARLIADFAGFLDILNG(MSE)FSGGGAPPA
FGVQ(MSE)AKLGGDILSCWKLGAVPRYS
;
_entity_poly.pdbx_strand_id   A,B
#
loop_
_chem_comp.id
_chem_comp.type
_chem_comp.name
_chem_comp.formula
UNL non-polymer 'UNKNOWN LIGAND' ?
#
# COMPACT_ATOMS: atom_id res chain seq x y z
N PRO A 3 12.10 9.99 25.43
CA PRO A 3 10.83 9.72 24.71
C PRO A 3 9.66 9.45 25.68
N PRO A 4 8.58 10.26 25.60
CA PRO A 4 7.46 10.10 26.56
C PRO A 4 6.79 8.70 26.51
N VAL A 5 6.64 8.01 27.66
CA VAL A 5 6.14 6.63 27.68
C VAL A 5 4.59 6.56 27.64
N TRP A 6 4.06 5.81 26.69
CA TRP A 6 2.62 5.68 26.48
C TRP A 6 2.10 4.44 27.14
N THR A 7 0.95 4.54 27.78
CA THR A 7 0.23 3.39 28.27
C THR A 7 -0.84 2.95 27.25
N LEU A 8 -1.19 1.69 27.30
CA LEU A 8 -2.20 1.13 26.43
C LEU A 8 -3.58 1.83 26.58
N PRO A 9 -4.05 2.07 27.81
CA PRO A 9 -5.30 2.83 27.91
C PRO A 9 -5.30 4.21 27.26
N ARG A 10 -4.21 4.92 27.37
CA ARG A 10 -4.09 6.24 26.76
C ARG A 10 -4.02 6.16 25.26
N LEU A 11 -3.37 5.12 24.74
CA LEU A 11 -3.33 4.90 23.27
C LEU A 11 -4.75 4.68 22.82
N TYR A 12 -5.48 3.83 23.53
CA TYR A 12 -6.91 3.57 23.21
C TYR A 12 -7.77 4.85 23.25
N GLN A 13 -7.56 5.68 24.29
CA GLN A 13 -8.24 6.95 24.37
C GLN A 13 -7.93 7.85 23.18
N HIS A 14 -6.69 7.82 22.70
CA HIS A 14 -6.31 8.60 21.52
C HIS A 14 -6.91 8.05 20.21
N PHE A 15 -7.00 6.72 20.06
CA PHE A 15 -7.74 6.14 18.96
C PHE A 15 -9.20 6.65 18.92
N GLN A 16 -9.85 6.57 20.05
CA GLN A 16 -11.25 7.05 20.19
C GLN A 16 -11.35 8.52 19.87
N GLY A 17 -10.36 9.31 20.30
CA GLY A 17 -10.34 10.71 20.02
C GLY A 17 -10.19 11.03 18.55
N ALA A 18 -9.35 10.27 17.88
CA ALA A 18 -9.10 10.46 16.45
C ALA A 18 -10.35 10.11 15.70
N ILE A 19 -11.02 9.00 16.06
CA ILE A 19 -12.24 8.66 15.34
C ILE A 19 -13.35 9.68 15.62
N ASP A 20 -13.43 10.21 16.84
CA ASP A 20 -14.45 11.22 17.18
C ASP A 20 -14.26 12.48 16.35
N LEU A 21 -12.99 12.86 16.13
CA LEU A 21 -12.70 14.06 15.37
C LEU A 21 -13.04 13.83 13.92
N GLU A 22 -12.65 12.67 13.36
CA GLU A 22 -12.97 12.38 11.94
C GLU A 22 -14.50 12.39 11.75
N LEU A 23 -15.21 11.73 12.66
CA LEU A 23 -16.67 11.67 12.58
C LEU A 23 -17.29 13.07 12.67
N TRP A 24 -16.80 13.87 13.62
CA TRP A 24 -17.28 15.25 13.77
C TRP A 24 -17.27 16.02 12.44
N THR A 25 -16.27 15.84 11.59
CA THR A 25 -16.18 16.55 10.34
C THR A 25 -17.23 16.10 9.34
N ILE A 26 -17.74 14.87 9.44
CA ILE A 26 -18.61 14.32 8.41
C ILE A 26 -19.97 15.06 8.33
N PRO A 27 -20.76 15.10 9.45
CA PRO A 27 -21.95 15.94 9.40
C PRO A 27 -21.70 17.40 9.10
N TYR A 28 -20.57 17.97 9.57
CA TYR A 28 -20.19 19.33 9.26
C TYR A 28 -20.08 19.56 7.74
N TYR A 29 -19.26 18.79 7.07
CA TYR A 29 -19.02 18.88 5.66
C TYR A 29 -20.28 18.52 4.87
N LEU A 30 -21.00 17.50 5.30
CA LEU A 30 -22.21 17.07 4.60
C LEU A 30 -23.27 18.16 4.60
N THR A 31 -23.41 18.81 5.75
CA THR A 31 -24.35 19.93 5.94
C THR A 31 -24.04 21.08 4.97
N VAL A 32 -22.76 21.44 4.86
CA VAL A 32 -22.30 22.43 3.84
C VAL A 32 -22.56 21.92 2.44
N LEU A 33 -22.16 20.70 2.15
CA LEU A 33 -22.34 20.12 0.82
C LEU A 33 -23.76 20.25 0.30
N TYR A 34 -24.70 19.72 1.04
CA TYR A 34 -26.08 19.66 0.55
C TYR A 34 -26.79 21.01 0.56
N SER A 35 -26.20 22.00 1.23
CA SER A 35 -26.69 23.38 1.12
C SER A 35 -26.52 23.99 -0.27
N ILE A 36 -25.59 23.48 -1.06
CA ILE A 36 -25.27 24.00 -2.34
C ILE A 36 -26.32 23.51 -3.31
N LYS A 37 -27.06 24.43 -3.89
CA LYS A 37 -28.21 24.06 -4.72
C LYS A 37 -27.81 23.27 -5.96
N ASP A 38 -26.74 23.73 -6.61
CA ASP A 38 -26.27 23.13 -7.85
C ASP A 38 -25.09 22.14 -7.64
N PRO A 39 -25.38 20.84 -7.76
CA PRO A 39 -24.36 19.83 -7.52
C PRO A 39 -23.23 19.77 -8.53
N THR A 40 -23.38 20.44 -9.68
CA THR A 40 -22.32 20.42 -10.67
C THR A 40 -21.24 21.47 -10.37
N THR A 41 -21.45 22.31 -9.35
CA THR A 41 -20.50 23.40 -9.13
C THR A 41 -19.19 22.88 -8.53
N VAL A 42 -18.12 23.65 -8.71
CA VAL A 42 -16.81 23.20 -8.24
C VAL A 42 -16.81 22.95 -6.72
N PRO A 43 -17.40 23.86 -5.90
CA PRO A 43 -17.28 23.65 -4.46
C PRO A 43 -18.04 22.42 -4.01
N TYR A 44 -19.13 22.12 -4.69
CA TYR A 44 -19.86 20.89 -4.38
C TYR A 44 -19.02 19.64 -4.63
N ARG A 45 -18.41 19.54 -5.80
N ARG A 45 -18.39 19.58 -5.80
CA ARG A 45 -17.60 18.36 -6.12
CA ARG A 45 -17.56 18.44 -6.16
C ARG A 45 -16.31 18.29 -5.27
C ARG A 45 -16.35 18.30 -5.24
N LEU A 46 -15.73 19.43 -4.92
CA LEU A 46 -14.59 19.42 -4.01
C LEU A 46 -14.94 18.89 -2.64
N ILE A 47 -16.05 19.37 -2.10
CA ILE A 47 -16.51 18.95 -0.76
C ILE A 47 -16.96 17.48 -0.68
N GLN A 48 -17.71 17.05 -1.69
CA GLN A 48 -18.14 15.69 -1.79
C GLN A 48 -16.97 14.71 -1.73
N ALA A 49 -15.93 14.94 -2.50
CA ALA A 49 -14.79 14.05 -2.51
C ALA A 49 -14.13 14.04 -1.12
N ALA A 50 -14.07 15.22 -0.48
CA ALA A 50 -13.50 15.35 0.86
C ALA A 50 -14.26 14.57 1.92
N VAL A 51 -15.57 14.62 1.84
CA VAL A 51 -16.49 13.89 2.74
CA VAL A 51 -16.34 13.95 2.85
C VAL A 51 -16.22 12.38 2.67
N TYR A 52 -16.12 11.89 1.45
CA TYR A 52 -15.84 10.49 1.20
C TYR A 52 -14.48 10.11 1.77
N GLN A 53 -13.49 10.99 1.67
CA GLN A 53 -12.20 10.75 2.30
C GLN A 53 -12.27 10.73 3.83
N GLU A 54 -13.11 11.58 4.40
CA GLU A 54 -13.27 11.55 5.88
C GLU A 54 -13.81 10.21 6.33
N MSE A 55 -14.78 9.67 5.60
CA MSE A 55 -15.38 8.36 5.92
CA MSE A 55 -15.39 8.36 5.92
C MSE A 55 -14.34 7.26 5.86
O MSE A 55 -14.25 6.44 6.77
CB MSE A 55 -16.52 8.07 4.93
CB MSE A 55 -16.55 8.06 4.94
CG MSE A 55 -17.72 8.97 5.15
CG MSE A 55 -17.52 6.93 5.36
SE MSE A 55 -18.94 8.89 3.63
SE MSE A 55 -18.47 7.10 7.11
CE MSE A 55 -20.11 10.22 4.15
CE MSE A 55 -17.41 5.88 8.20
N LEU A 56 -13.52 7.29 4.82
CA LEU A 56 -12.36 6.42 4.72
C LEU A 56 -11.43 6.58 5.93
N HIS A 57 -11.16 7.82 6.37
CA HIS A 57 -10.30 8.04 7.52
C HIS A 57 -10.87 7.34 8.73
N ALA A 58 -12.19 7.47 8.94
CA ALA A 58 -12.85 6.81 10.07
C ALA A 58 -12.60 5.30 10.04
N GLN A 59 -12.82 4.68 8.89
CA GLN A 59 -12.54 3.26 8.70
C GLN A 59 -11.08 2.88 9.01
N LEU A 60 -10.14 3.69 8.56
CA LEU A 60 -8.70 3.43 8.76
C LEU A 60 -8.34 3.50 10.19
N VAL A 61 -8.87 4.50 10.89
CA VAL A 61 -8.65 4.61 12.31
C VAL A 61 -9.22 3.38 13.02
N SER A 62 -10.43 2.96 12.68
CA SER A 62 -11.00 1.73 13.27
C SER A 62 -10.05 0.53 13.03
N ASN A 63 -9.53 0.41 11.82
CA ASN A 63 -8.63 -0.69 11.48
C ASN A 63 -7.33 -0.65 12.28
N ILE A 64 -6.76 0.53 12.44
CA ILE A 64 -5.56 0.66 13.26
C ILE A 64 -5.87 0.32 14.72
N ALA A 65 -6.91 0.93 15.27
CA ALA A 65 -7.30 0.72 16.67
C ALA A 65 -7.57 -0.77 16.90
N ASN A 66 -8.34 -1.39 16.01
CA ASN A 66 -8.64 -2.80 16.14
C ASN A 66 -7.42 -3.72 16.11
N ALA A 67 -6.46 -3.40 15.27
CA ALA A 67 -5.19 -4.13 15.24
C ALA A 67 -4.48 -4.10 16.61
N TYR A 68 -4.60 -2.97 17.35
CA TYR A 68 -4.06 -2.85 18.70
C TYR A 68 -5.00 -3.38 19.81
N GLY A 69 -6.16 -3.90 19.42
CA GLY A 69 -7.12 -4.52 20.32
C GLY A 69 -8.29 -3.68 20.79
N TYR A 70 -8.46 -2.48 20.24
CA TYR A 70 -9.53 -1.59 20.62
C TYR A 70 -10.56 -1.39 19.51
N SER A 71 -11.80 -1.73 19.75
CA SER A 71 -12.89 -1.42 18.80
C SER A 71 -13.49 -0.06 19.20
N PRO A 72 -13.35 0.96 18.34
CA PRO A 72 -13.97 2.24 18.72
C PRO A 72 -15.51 2.23 18.65
N THR A 73 -16.11 3.17 19.34
CA THR A 73 -17.56 3.29 19.33
C THR A 73 -17.90 4.70 18.92
N LEU A 74 -18.96 4.86 18.17
CA LEU A 74 -19.33 6.16 17.70
C LEU A 74 -20.63 6.63 18.31
N SER A 75 -20.69 7.90 18.63
CA SER A 75 -21.94 8.50 19.04
C SER A 75 -22.11 9.81 18.30
N ALA A 76 -23.31 10.35 18.29
CA ALA A 76 -23.58 11.58 17.54
C ALA A 76 -22.74 12.77 18.05
N PRO A 77 -22.03 13.45 17.13
CA PRO A 77 -21.25 14.61 17.49
C PRO A 77 -22.17 15.80 17.82
N GLU A 78 -21.58 16.78 18.48
CA GLU A 78 -22.25 18.01 18.81
C GLU A 78 -21.55 19.18 18.15
N TYR A 79 -22.35 20.20 17.88
CA TYR A 79 -21.97 21.35 17.06
C TYR A 79 -22.39 22.59 17.77
N VAL A 80 -21.49 23.06 18.65
CA VAL A 80 -21.86 24.12 19.58
C VAL A 80 -20.70 25.08 19.72
N GLY A 81 -20.99 26.38 19.68
CA GLY A 81 -19.94 27.37 19.89
C GLY A 81 -18.82 27.24 18.85
N THR A 82 -17.60 27.19 19.35
CA THR A 82 -16.41 27.03 18.49
C THR A 82 -15.61 25.77 18.90
N ALA A 83 -16.27 24.82 19.55
CA ALA A 83 -15.61 23.60 20.02
C ALA A 83 -15.45 22.53 18.92
N VAL A 84 -14.19 22.29 18.52
CA VAL A 84 -13.78 21.23 17.60
C VAL A 84 -13.10 20.15 18.46
N PRO A 85 -13.54 18.88 18.35
CA PRO A 85 -12.92 17.83 19.19
C PRO A 85 -11.39 17.77 19.12
N HIS A 86 -10.74 17.99 20.26
CA HIS A 86 -9.29 17.70 20.41
C HIS A 86 -8.35 18.69 19.71
N ILE A 87 -8.91 19.82 19.28
CA ILE A 87 -8.14 20.88 18.59
C ILE A 87 -8.25 22.19 19.36
N ASP A 88 -7.10 22.74 19.69
CA ASP A 88 -6.98 24.09 20.32
C ASP A 88 -6.09 24.98 19.47
N PHE A 89 -6.68 25.92 18.77
CA PHE A 89 -5.92 26.78 17.85
C PHE A 89 -5.03 27.78 18.60
N ASP A 90 -5.33 27.95 19.88
CA ASP A 90 -4.57 28.83 20.78
C ASP A 90 -3.18 28.27 20.95
N LEU A 91 -3.00 26.99 20.63
CA LEU A 91 -1.67 26.39 20.70
C LEU A 91 -0.75 26.83 19.55
N ASP A 92 -1.33 27.36 18.49
CA ASP A 92 -0.61 27.61 17.27
C ASP A 92 -0.16 29.08 17.18
N THR A 93 0.92 29.31 16.47
CA THR A 93 1.45 30.68 16.27
C THR A 93 1.76 30.87 14.77
N PRO A 94 1.07 31.81 14.11
CA PRO A 94 -0.04 32.62 14.63
C PRO A 94 -1.28 31.73 14.86
N ASN A 95 -2.18 32.18 15.74
CA ASN A 95 -3.43 31.49 15.94
C ASN A 95 -4.18 31.60 14.61
N PRO A 96 -4.47 30.46 13.96
CA PRO A 96 -5.08 30.59 12.62
C PRO A 96 -6.50 31.12 12.67
N THR A 97 -7.13 31.16 13.86
CA THR A 97 -8.46 31.81 13.97
C THR A 97 -8.38 33.33 13.77
N SER A 98 -7.16 33.89 13.77
CA SER A 98 -6.93 35.30 13.40
CA SER A 98 -6.98 35.29 13.42
C SER A 98 -7.00 35.48 11.90
N ILE A 99 -6.82 34.39 11.13
CA ILE A 99 -6.87 34.44 9.68
C ILE A 99 -8.24 34.00 9.15
N PHE A 100 -8.71 32.86 9.63
CA PHE A 100 -9.94 32.24 9.19
C PHE A 100 -11.04 32.64 10.13
N THR A 101 -11.45 33.90 10.02
CA THR A 101 -12.50 34.43 10.88
C THR A 101 -13.48 35.24 10.01
N PRO A 102 -14.79 35.13 10.28
CA PRO A 102 -15.44 34.39 11.32
C PRO A 102 -15.41 32.87 11.11
N TYR A 103 -15.64 32.13 12.18
CA TYR A 103 -15.70 30.66 12.15
C TYR A 103 -16.64 30.13 13.26
N SER A 104 -17.12 28.89 13.15
CA SER A 104 -18.09 28.35 14.11
C SER A 104 -18.16 26.87 14.04
N ALA A 105 -18.36 26.19 15.20
CA ALA A 105 -18.62 24.77 15.22
C ALA A 105 -20.09 24.47 14.94
N GLU A 106 -20.93 25.50 14.82
CA GLU A 106 -22.32 25.31 14.50
C GLU A 106 -22.48 25.00 13.06
N LEU A 107 -23.44 24.13 12.78
CA LEU A 107 -23.72 23.71 11.42
C LEU A 107 -24.36 24.84 10.60
N GLY A 108 -24.07 24.91 9.28
CA GLY A 108 -24.60 25.91 8.40
C GLY A 108 -24.29 25.61 6.95
N PRO A 109 -24.65 26.54 6.03
CA PRO A 109 -24.51 26.33 4.62
C PRO A 109 -23.10 26.68 4.16
N LEU A 110 -22.88 26.61 2.85
CA LEU A 110 -21.62 27.09 2.28
C LEU A 110 -21.61 28.62 2.44
N ASP A 111 -21.09 29.11 3.55
CA ASP A 111 -20.89 30.55 3.75
C ASP A 111 -19.48 30.76 4.29
N LEU A 112 -19.06 31.99 4.42
CA LEU A 112 -17.69 32.27 4.89
C LEU A 112 -17.35 31.60 6.22
N THR A 113 -18.26 31.71 7.16
CA THR A 113 -18.10 31.13 8.48
C THR A 113 -17.80 29.61 8.42
N ARG A 114 -18.55 28.89 7.60
CA ARG A 114 -18.35 27.43 7.42
C ARG A 114 -17.08 27.11 6.63
N VAL A 115 -16.82 27.83 5.55
CA VAL A 115 -15.60 27.58 4.77
C VAL A 115 -14.37 27.91 5.59
N ASN A 116 -14.39 29.01 6.35
CA ASN A 116 -13.28 29.30 7.27
C ASN A 116 -13.00 28.16 8.28
N THR A 117 -14.07 27.65 8.91
CA THR A 117 -14.00 26.51 9.83
C THR A 117 -13.40 25.27 9.17
N MSE A 118 -13.82 24.96 7.92
CA MSE A 118 -13.26 23.85 7.14
C MSE A 118 -11.75 23.99 6.89
O MSE A 118 -10.99 23.02 7.04
CB MSE A 118 -14.05 23.67 5.86
CG MSE A 118 -15.45 23.24 6.19
SE MSE A 118 -16.59 23.18 4.64
CE MSE A 118 -16.01 21.76 3.93
N CYS A 119 -11.31 25.23 6.65
CA CYS A 119 -9.88 25.56 6.49
C CYS A 119 -9.13 25.36 7.81
N LEU A 120 -9.74 25.78 8.90
CA LEU A 120 -9.18 25.58 10.25
C LEU A 120 -9.04 24.11 10.62
N ILE A 121 -10.07 23.33 10.37
CA ILE A 121 -10.04 21.89 10.70
C ILE A 121 -8.86 21.21 10.03
N GLU A 122 -8.63 21.53 8.76
CA GLU A 122 -7.59 20.94 7.97
C GLU A 122 -6.27 21.70 7.98
N TYR A 123 -6.15 22.66 8.89
CA TYR A 123 -4.96 23.51 8.98
C TYR A 123 -3.70 22.65 9.12
N PRO A 124 -2.69 22.86 8.25
CA PRO A 124 -1.51 21.99 8.23
C PRO A 124 -0.60 22.15 9.44
N GLU A 125 -0.11 21.04 9.94
CA GLU A 125 0.74 21.07 11.13
C GLU A 125 1.95 21.97 10.97
N TRP A 126 2.54 21.97 9.78
CA TRP A 126 3.76 22.79 9.58
C TRP A 126 3.55 24.30 9.78
N ARG A 127 2.35 24.78 9.53
CA ARG A 127 2.03 26.21 9.77
C ARG A 127 1.84 26.57 11.25
N THR A 128 1.61 25.57 12.10
CA THR A 128 1.35 25.82 13.54
C THR A 128 2.60 26.33 14.29
N GLN A 129 3.77 26.05 13.72
CA GLN A 129 5.04 26.39 14.34
C GLN A 129 5.11 25.87 15.78
N ARG A 130 4.78 24.61 15.98
CA ARG A 130 4.97 24.03 17.29
C ARG A 130 5.57 22.66 17.22
N GLU A 131 6.35 22.36 18.26
CA GLU A 131 6.83 21.02 18.51
C GLU A 131 5.62 20.16 18.96
N PRO A 132 5.38 19.00 18.32
CA PRO A 132 4.27 18.14 18.70
C PRO A 132 4.41 17.75 20.15
N ASP A 133 3.31 17.82 20.89
CA ASP A 133 3.31 17.44 22.29
C ASP A 133 3.01 15.95 22.31
N LEU A 134 4.03 15.17 22.66
CA LEU A 134 3.98 13.72 22.53
C LEU A 134 3.57 13.00 23.82
N ALA A 135 3.23 13.73 24.86
CA ALA A 135 2.84 13.15 26.15
C ALA A 135 1.45 12.41 26.00
N ASP A 136 1.30 11.24 26.63
CA ASP A 136 0.09 10.45 26.42
C ASP A 136 -1.14 11.00 27.16
N ASP A 137 -0.95 12.04 27.97
CA ASP A 137 -2.08 12.71 28.64
C ASP A 137 -2.59 13.97 27.96
N VAL A 138 -2.02 14.32 26.81
CA VAL A 138 -2.49 15.44 26.00
C VAL A 138 -3.78 15.05 25.31
N THR A 139 -4.76 15.92 25.38
CA THR A 139 -6.04 15.74 24.75
C THR A 139 -6.30 16.73 23.60
N ASP A 140 -5.66 17.90 23.63
CA ASP A 140 -5.82 18.94 22.64
C ASP A 140 -4.52 19.20 21.90
N TYR A 141 -4.66 19.35 20.59
CA TYR A 141 -3.53 19.59 19.73
C TYR A 141 -3.78 20.82 18.85
N GLY A 142 -2.73 21.34 18.22
CA GLY A 142 -2.85 22.52 17.38
C GLY A 142 -3.33 22.26 15.96
N SER A 143 -3.34 20.97 15.57
CA SER A 143 -3.73 20.54 14.22
C SER A 143 -4.01 19.03 14.25
N ILE A 144 -4.66 18.54 13.21
CA ILE A 144 -4.93 17.12 13.07
C ILE A 144 -3.63 16.37 12.87
N GLY A 145 -2.72 16.95 12.11
CA GLY A 145 -1.44 16.39 11.86
C GLY A 145 -0.65 16.16 13.12
N GLU A 146 -0.72 17.12 14.06
CA GLU A 146 -0.03 16.94 15.33
C GLU A 146 -0.64 15.80 16.14
N PHE A 147 -1.96 15.75 16.16
CA PHE A 147 -2.66 14.62 16.80
C PHE A 147 -2.09 13.28 16.25
N TYR A 148 -2.04 13.15 14.92
CA TYR A 148 -1.48 11.93 14.33
C TYR A 148 -0.01 11.70 14.58
N ASP A 149 0.80 12.76 14.69
CA ASP A 149 2.16 12.63 15.15
C ASP A 149 2.31 11.95 16.52
N ALA A 150 1.53 12.43 17.49
CA ALA A 150 1.47 11.84 18.84
C ALA A 150 1.02 10.38 18.74
N LEU A 151 -0.04 10.14 17.98
CA LEU A 151 -0.52 8.77 17.83
C LEU A 151 0.56 7.80 17.31
N ARG A 152 1.33 8.20 16.31
CA ARG A 152 2.47 7.36 15.84
C ARG A 152 3.48 6.98 16.95
N VAL A 153 3.71 7.85 17.91
CA VAL A 153 4.61 7.56 19.02
C VAL A 153 4.05 6.48 19.93
N GLY A 154 2.79 6.61 20.34
CA GLY A 154 2.16 5.55 21.12
C GLY A 154 2.11 4.23 20.39
N MSE A 155 1.75 4.29 19.11
CA MSE A 155 1.65 3.13 18.24
C MSE A 155 2.99 2.38 18.14
O MSE A 155 3.04 1.15 18.18
CB MSE A 155 1.19 3.57 16.84
CG MSE A 155 -0.28 3.85 16.75
SE MSE A 155 -0.71 4.74 15.03
CE MSE A 155 -0.20 3.34 13.78
N GLU A 156 4.06 3.12 18.03
CA GLU A 156 5.37 2.50 17.97
C GLU A 156 5.75 1.83 19.26
N GLN A 157 5.57 2.52 20.36
CA GLN A 157 5.94 1.98 21.67
C GLN A 157 5.16 0.77 22.01
N LEU A 158 3.88 0.74 21.59
CA LEU A 158 2.99 -0.36 21.93
C LEU A 158 2.73 -1.35 20.78
N ARG A 159 3.60 -1.38 19.79
CA ARG A 159 3.50 -2.28 18.64
C ARG A 159 3.47 -3.80 18.96
N GLY A 160 3.94 -4.19 20.14
CA GLY A 160 3.78 -5.54 20.59
C GLY A 160 2.38 -6.04 20.70
N HIS A 161 1.42 -5.12 20.83
CA HIS A 161 0.02 -5.44 20.89
C HIS A 161 -0.64 -5.65 19.54
N VAL A 162 0.06 -5.33 18.45
CA VAL A 162 -0.54 -5.47 17.12
C VAL A 162 -0.75 -6.91 16.74
N ARG A 163 -1.99 -7.22 16.40
CA ARG A 163 -2.39 -8.54 15.88
C ARG A 163 -3.01 -8.37 14.50
N GLY A 164 -2.60 -9.22 13.56
CA GLY A 164 -3.11 -9.12 12.19
C GLY A 164 -4.48 -9.66 12.00
N ASN A 165 -5.20 -9.10 11.03
CA ASN A 165 -6.55 -9.58 10.67
C ASN A 165 -7.57 -9.53 11.78
N GLN A 166 -7.42 -8.52 12.64
CA GLN A 166 -8.21 -8.44 13.84
C GLN A 166 -9.28 -7.40 13.70
N LYS A 167 -10.51 -7.87 13.47
CA LYS A 167 -11.68 -7.02 13.33
C LYS A 167 -11.45 -5.87 12.34
N GLN A 168 -10.92 -6.24 11.17
CA GLN A 168 -10.61 -5.28 10.12
C GLN A 168 -11.82 -5.11 9.20
N MSE A 169 -11.94 -3.92 8.66
CA MSE A 169 -13.04 -3.53 7.80
C MSE A 169 -12.49 -3.00 6.48
O MSE A 169 -11.42 -2.41 6.43
CB MSE A 169 -13.81 -2.44 8.52
CG MSE A 169 -14.96 -1.84 7.85
SE MSE A 169 -15.66 -0.66 9.21
CE MSE A 169 -16.55 0.53 8.02
N ASP A 170 -13.20 -3.25 5.39
CA ASP A 170 -12.78 -2.76 4.07
C ASP A 170 -13.99 -2.45 3.15
N GLU A 171 -14.58 -1.28 3.34
CA GLU A 171 -15.66 -0.74 2.52
C GLU A 171 -15.15 0.58 1.94
N ASN A 178 -6.37 0.40 -8.20
CA ASN A 178 -5.66 -0.79 -7.71
C ASN A 178 -4.95 -0.50 -6.33
N SER A 179 -5.09 -1.42 -5.39
CA SER A 179 -4.57 -1.26 -4.01
C SER A 179 -4.88 -2.48 -3.17
N PRO A 180 -3.99 -2.84 -2.24
CA PRO A 180 -4.37 -3.94 -1.38
C PRO A 180 -5.45 -3.43 -0.38
N PRO A 181 -6.08 -4.33 0.38
CA PRO A 181 -7.00 -3.81 1.40
C PRO A 181 -6.23 -2.86 2.33
N LEU A 182 -6.89 -1.83 2.81
CA LEU A 182 -6.23 -0.85 3.65
C LEU A 182 -6.52 -1.29 5.09
N THR A 183 -5.91 -2.42 5.39
CA THR A 183 -6.10 -3.13 6.64
C THR A 183 -4.76 -3.59 7.18
N VAL A 184 -4.78 -3.98 8.44
CA VAL A 184 -3.62 -4.52 9.08
C VAL A 184 -3.76 -6.03 9.10
N THR A 185 -2.95 -6.69 8.27
CA THR A 185 -3.03 -8.14 8.09
C THR A 185 -1.91 -8.87 8.83
N GLU A 186 -0.88 -8.16 9.27
CA GLU A 186 0.25 -8.77 9.96
C GLU A 186 0.34 -8.35 11.43
N SER A 187 1.02 -9.17 12.23
CA SER A 187 1.15 -8.91 13.64
C SER A 187 2.45 -8.23 13.98
N GLY A 188 2.53 -7.75 15.21
CA GLY A 188 3.74 -7.19 15.75
C GLY A 188 4.30 -6.09 14.90
N ASP A 189 5.62 -6.08 14.68
CA ASP A 189 6.30 -4.96 13.97
C ASP A 189 5.82 -4.76 12.55
N ALA A 190 5.62 -5.85 11.80
CA ALA A 190 5.08 -5.79 10.43
C ALA A 190 3.71 -5.12 10.38
N GLY A 191 2.80 -5.48 11.31
CA GLY A 191 1.47 -4.85 11.34
C GLY A 191 1.56 -3.41 11.78
N PHE A 192 2.50 -3.12 12.66
CA PHE A 192 2.74 -1.74 13.03
C PHE A 192 3.16 -0.90 11.80
N LEU A 193 4.06 -1.45 10.98
CA LEU A 193 4.47 -0.76 9.73
C LEU A 193 3.27 -0.56 8.75
N GLN A 194 2.38 -1.53 8.63
CA GLN A 194 1.14 -1.36 7.85
C GLN A 194 0.26 -0.26 8.43
N ALA A 195 0.11 -0.26 9.76
CA ALA A 195 -0.69 0.76 10.48
C ALA A 195 -0.17 2.16 10.19
N LEU A 196 1.16 2.30 10.16
CA LEU A 196 1.80 3.59 9.86
C LEU A 196 1.44 4.07 8.47
N THR A 197 1.36 3.14 7.52
CA THR A 197 0.97 3.51 6.18
C THR A 197 -0.42 4.08 6.19
N LEU A 198 -1.34 3.43 6.91
CA LEU A 198 -2.72 3.92 7.02
C LEU A 198 -2.75 5.32 7.63
N VAL A 199 -1.93 5.59 8.66
CA VAL A 199 -1.85 6.96 9.21
C VAL A 199 -1.38 7.96 8.13
N ASP A 200 -0.38 7.58 7.35
CA ASP A 200 0.16 8.44 6.26
C ASP A 200 -0.86 8.79 5.21
N ILE A 201 -1.68 7.82 4.80
CA ILE A 201 -2.79 8.09 3.91
C ILE A 201 -3.76 9.11 4.49
N ILE A 202 -4.11 8.99 5.79
CA ILE A 202 -5.02 9.91 6.45
C ILE A 202 -4.48 11.34 6.46
N VAL A 203 -3.23 11.50 6.90
CA VAL A 203 -2.63 12.82 7.04
C VAL A 203 -2.33 13.45 5.65
N ASP A 204 -1.83 12.65 4.71
CA ASP A 204 -1.58 13.13 3.34
C ASP A 204 -2.85 13.68 2.70
N GLN A 205 -3.98 13.06 2.97
CA GLN A 205 -5.25 13.51 2.39
C GLN A 205 -5.72 14.82 3.00
N GLY A 206 -5.56 14.99 4.29
CA GLY A 206 -5.96 16.25 4.95
C GLY A 206 -5.12 17.46 4.63
N GLU A 207 -3.80 17.34 4.83
CA GLU A 207 -2.87 18.48 4.76
C GLU A 207 -1.83 18.38 3.66
N GLY A 208 -1.71 17.21 3.04
CA GLY A 208 -0.71 17.00 1.98
C GLY A 208 0.57 16.38 2.51
N GLN A 209 1.29 15.73 1.60
CA GLN A 209 2.59 15.07 1.84
C GLN A 209 3.74 16.03 1.53
N ALA A 230 -4.75 13.58 -4.87
CA ALA A 230 -3.96 14.62 -5.55
C ALA A 230 -3.93 15.90 -4.71
N TRP A 231 -5.13 16.38 -4.38
CA TRP A 231 -5.30 17.73 -3.82
C TRP A 231 -5.80 17.69 -2.36
N PRO A 232 -4.94 18.13 -1.40
CA PRO A 232 -5.34 17.93 0.01
C PRO A 232 -6.55 18.78 0.43
N HIS A 233 -7.21 18.39 1.52
CA HIS A 233 -8.45 19.05 1.96
C HIS A 233 -8.20 20.56 2.26
N PHE A 234 -7.08 20.83 2.93
CA PHE A 234 -6.77 22.22 3.27
C PHE A 234 -6.73 23.07 2.01
N GLN A 235 -5.92 22.64 1.04
CA GLN A 235 -5.80 23.38 -0.20
C GLN A 235 -7.16 23.54 -0.92
N ARG A 236 -7.91 22.46 -1.03
CA ARG A 236 -9.26 22.48 -1.61
C ARG A 236 -10.14 23.57 -1.00
N PHE A 237 -10.18 23.60 0.34
CA PHE A 237 -11.04 24.49 1.10
C PHE A 237 -10.55 25.92 1.04
N ASP A 238 -9.23 26.12 1.06
CA ASP A 238 -8.66 27.46 0.88
C ASP A 238 -9.00 28.00 -0.52
N PHE A 239 -9.02 27.11 -1.50
CA PHE A 239 -9.44 27.46 -2.85
C PHE A 239 -10.87 28.01 -2.86
N ILE A 240 -11.77 27.31 -2.21
CA ILE A 240 -13.17 27.72 -2.14
C ILE A 240 -13.26 29.04 -1.42
N ARG A 241 -12.51 29.18 -0.32
CA ARG A 241 -12.54 30.41 0.49
C ARG A 241 -12.20 31.65 -0.35
N ARG A 242 -11.31 31.46 -1.32
CA ARG A 242 -10.80 32.52 -2.20
C ARG A 242 -11.60 32.81 -3.45
N MSE A 243 -12.59 31.99 -3.79
CA MSE A 243 -13.36 32.21 -5.02
C MSE A 243 -14.14 33.51 -5.04
O MSE A 243 -14.69 33.91 -4.02
CB MSE A 243 -14.38 31.11 -5.22
CG MSE A 243 -13.78 29.77 -5.48
SE MSE A 243 -15.21 28.40 -5.57
CE MSE A 243 -16.56 29.21 -4.51
N PRO A 244 -14.23 34.15 -6.23
CA PRO A 244 -15.08 35.35 -6.36
C PRO A 244 -16.59 35.05 -6.32
N ASN A 245 -17.02 33.94 -6.91
CA ASN A 245 -18.46 33.70 -7.08
C ASN A 245 -18.95 32.39 -6.49
N TRP A 246 -19.54 32.47 -5.30
CA TRP A 246 -19.98 31.24 -4.61
C TRP A 246 -21.34 30.85 -5.14
N PRO A 247 -21.60 29.53 -5.23
CA PRO A 247 -22.88 29.10 -5.77
C PRO A 247 -24.02 29.41 -4.81
N GLY A 248 -25.24 29.43 -5.32
CA GLY A 248 -26.43 29.65 -4.50
C GLY A 248 -26.61 28.50 -3.50
N VAL A 249 -27.06 28.85 -2.31
CA VAL A 249 -27.30 27.88 -1.25
C VAL A 249 -28.74 27.97 -0.74
N TYR A 250 -29.24 26.84 -0.23
CA TYR A 250 -30.49 26.82 0.42
C TYR A 250 -30.39 27.65 1.67
N THR A 251 -31.54 28.18 2.03
CA THR A 251 -31.70 28.97 3.22
C THR A 251 -32.41 28.09 4.26
N GLY A 252 -32.07 28.24 5.53
CA GLY A 252 -32.71 27.44 6.55
C GLY A 252 -32.54 27.99 7.91
N VAL A 253 -33.43 27.60 8.80
CA VAL A 253 -33.34 27.95 10.20
C VAL A 253 -32.97 26.74 11.01
N THR A 254 -32.28 26.98 12.11
CA THR A 254 -31.81 25.89 12.94
C THR A 254 -32.98 25.27 13.73
N ASP A 255 -34.00 26.06 14.02
CA ASP A 255 -35.10 25.60 14.87
C ASP A 255 -36.43 25.87 14.20
N PRO A 256 -36.78 25.01 13.24
CA PRO A 256 -38.11 25.22 12.59
C PRO A 256 -39.23 24.94 13.62
N PRO A 257 -40.44 25.40 13.33
CA PRO A 257 -41.59 25.17 14.20
C PRO A 257 -41.83 23.68 14.47
N ALA A 258 -42.29 23.47 15.70
N ALA A 258 -42.01 23.29 15.73
CA ALA A 258 -42.97 22.31 16.14
CA ALA A 258 -41.86 21.87 16.18
C ALA A 258 -44.10 22.03 15.20
C ALA A 258 -42.70 20.87 15.41
N GLY A 259 -44.18 20.77 14.83
N GLY A 259 -43.85 21.33 14.94
CA GLY A 259 -45.17 20.35 13.89
CA GLY A 259 -44.77 20.48 14.17
C GLY A 259 -44.70 20.50 12.47
C GLY A 259 -44.76 20.69 12.66
N SER A 260 -43.71 21.34 12.18
CA SER A 260 -43.52 21.65 10.74
C SER A 260 -42.89 20.50 9.93
N PRO A 261 -43.12 20.48 8.61
CA PRO A 261 -42.37 19.52 7.76
C PRO A 261 -40.88 19.59 7.97
N GLY A 262 -40.32 20.79 8.17
CA GLY A 262 -38.87 20.91 8.36
C GLY A 262 -38.39 20.28 9.66
N ALA A 263 -39.16 20.43 10.75
CA ALA A 263 -38.83 19.76 12.01
C ALA A 263 -38.87 18.24 11.84
N GLU A 264 -39.89 17.76 11.13
CA GLU A 264 -40.02 16.35 10.86
C GLU A 264 -38.94 15.83 9.97
N ALA A 265 -38.43 16.65 9.06
CA ALA A 265 -37.24 16.33 8.26
C ALA A 265 -36.00 16.17 9.15
N GLN A 266 -35.81 17.11 10.07
CA GLN A 266 -34.78 16.96 11.08
C GLN A 266 -34.94 15.67 11.87
N ALA A 267 -36.15 15.37 12.31
CA ALA A 267 -36.35 14.20 13.14
C ALA A 267 -35.96 12.94 12.38
N ARG A 268 -36.32 12.89 11.10
CA ARG A 268 -35.96 11.74 10.27
C ARG A 268 -34.44 11.59 10.14
N LEU A 269 -33.74 12.69 9.95
CA LEU A 269 -32.30 12.69 9.90
C LEU A 269 -31.66 12.22 11.20
N ILE A 270 -32.13 12.73 12.33
CA ILE A 270 -31.66 12.30 13.63
C ILE A 270 -31.82 10.78 13.83
N ALA A 271 -33.00 10.24 13.50
CA ALA A 271 -33.24 8.84 13.59
C ALA A 271 -32.33 8.02 12.65
N ASP A 272 -32.31 8.40 11.37
CA ASP A 272 -31.51 7.64 10.38
C ASP A 272 -30.01 7.71 10.73
N PHE A 273 -29.54 8.85 11.18
CA PHE A 273 -28.14 9.01 11.62
C PHE A 273 -27.82 8.09 12.80
N ALA A 274 -28.72 8.03 13.79
CA ALA A 274 -28.59 7.14 14.95
C ALA A 274 -28.44 5.68 14.47
N GLY A 275 -29.32 5.29 13.56
CA GLY A 275 -29.30 3.97 13.01
C GLY A 275 -28.05 3.68 12.25
N PHE A 276 -27.55 4.65 11.52
CA PHE A 276 -26.34 4.49 10.76
C PHE A 276 -25.09 4.32 11.67
N LEU A 277 -25.02 5.10 12.75
CA LEU A 277 -23.99 4.89 13.78
C LEU A 277 -24.10 3.49 14.44
N ASP A 278 -25.30 3.02 14.75
CA ASP A 278 -25.47 1.62 15.24
C ASP A 278 -24.87 0.61 14.24
N ILE A 279 -25.12 0.79 12.93
CA ILE A 279 -24.59 -0.10 11.89
C ILE A 279 -23.05 -0.04 12.00
N LEU A 280 -22.50 1.18 12.00
CA LEU A 280 -21.04 1.32 12.08
C LEU A 280 -20.44 0.74 13.32
N ASN A 281 -21.08 0.90 14.48
CA ASN A 281 -20.58 0.33 15.72
C ASN A 281 -20.40 -1.17 15.63
N GLY A 282 -21.35 -1.84 14.98
CA GLY A 282 -21.27 -3.28 14.82
C GLY A 282 -20.08 -3.64 13.95
N MSE A 283 -19.93 -2.90 12.86
CA MSE A 283 -18.81 -3.09 11.94
C MSE A 283 -17.44 -2.79 12.56
O MSE A 283 -16.46 -3.50 12.29
CB MSE A 283 -19.00 -2.23 10.69
CG MSE A 283 -20.14 -2.87 9.81
SE MSE A 283 -20.80 -1.64 8.48
CE MSE A 283 -19.36 -1.79 7.33
N PHE A 284 -17.36 -1.75 13.34
CA PHE A 284 -16.10 -1.41 14.00
C PHE A 284 -15.75 -2.39 15.12
N SER A 285 -16.67 -3.28 15.50
CA SER A 285 -16.42 -4.27 16.54
CA SER A 285 -16.45 -4.27 16.55
C SER A 285 -16.29 -5.67 15.93
N GLY A 286 -16.08 -5.72 14.62
CA GLY A 286 -15.82 -6.99 13.93
C GLY A 286 -17.04 -7.65 13.28
N GLY A 287 -18.21 -7.01 13.31
CA GLY A 287 -19.41 -7.54 12.66
C GLY A 287 -19.37 -7.42 11.16
N GLY A 288 -20.14 -8.26 10.47
CA GLY A 288 -20.24 -8.06 9.03
C GLY A 288 -21.07 -6.82 8.69
N ALA A 289 -20.77 -6.26 7.52
CA ALA A 289 -21.55 -5.21 6.93
C ALA A 289 -22.96 -5.76 6.62
N PRO A 290 -24.02 -5.19 7.20
CA PRO A 290 -25.35 -5.73 6.84
C PRO A 290 -25.76 -5.27 5.45
N PRO A 291 -26.78 -5.90 4.84
CA PRO A 291 -27.35 -5.33 3.61
C PRO A 291 -27.85 -3.86 3.83
N ALA A 292 -28.31 -3.53 5.07
CA ALA A 292 -28.67 -2.16 5.50
C ALA A 292 -27.59 -1.07 5.35
N PHE A 293 -26.35 -1.44 5.01
CA PHE A 293 -25.21 -0.47 4.97
C PHE A 293 -25.19 0.51 3.77
N GLY A 294 -25.07 -0.01 2.54
CA GLY A 294 -25.23 0.86 1.34
C GLY A 294 -26.61 1.52 1.22
N VAL A 295 -27.64 0.86 1.79
CA VAL A 295 -29.08 1.30 1.79
C VAL A 295 -29.23 2.46 2.75
N GLN A 296 -28.81 2.21 4.00
CA GLN A 296 -28.73 3.21 5.08
C GLN A 296 -27.98 4.49 4.66
N MSE A 297 -26.84 4.33 3.98
CA MSE A 297 -25.96 5.48 3.76
C MSE A 297 -26.53 6.54 2.88
O MSE A 297 -26.77 7.58 3.38
CB MSE A 297 -24.66 5.04 3.18
CG MSE A 297 -23.66 6.17 3.04
SE MSE A 297 -21.93 5.28 3.26
CE MSE A 297 -22.31 3.74 2.07
N ALA A 298 -26.77 6.28 1.58
CA ALA A 298 -27.16 7.33 0.57
C ALA A 298 -28.48 7.97 0.91
N LYS A 299 -29.22 7.23 1.70
CA LYS A 299 -30.41 7.72 2.32
C LYS A 299 -30.14 8.92 3.22
N LEU A 300 -29.02 8.93 3.93
CA LEU A 300 -28.65 10.04 4.82
C LEU A 300 -28.50 11.29 4.01
N GLY A 301 -27.92 11.16 2.82
CA GLY A 301 -27.74 12.32 1.99
C GLY A 301 -29.08 12.88 1.51
N GLY A 302 -29.98 11.98 1.15
CA GLY A 302 -31.34 12.39 0.85
C GLY A 302 -32.05 13.07 2.01
N ASP A 303 -31.83 12.55 3.23
CA ASP A 303 -32.35 13.19 4.44
C ASP A 303 -31.82 14.61 4.72
N ILE A 304 -30.52 14.78 4.50
CA ILE A 304 -29.85 16.08 4.70
C ILE A 304 -30.34 17.09 3.66
N LEU A 305 -30.40 16.67 2.42
CA LEU A 305 -30.92 17.55 1.36
C LEU A 305 -32.36 17.95 1.62
N SER A 306 -33.13 17.01 2.13
CA SER A 306 -34.53 17.28 2.34
C SER A 306 -34.74 18.33 3.43
N CYS A 307 -33.91 18.33 4.48
CA CYS A 307 -33.93 19.41 5.47
C CYS A 307 -33.73 20.77 4.84
N TRP A 308 -32.66 20.92 4.06
CA TRP A 308 -32.38 22.17 3.39
C TRP A 308 -33.50 22.64 2.46
N LYS A 309 -34.00 21.72 1.63
CA LYS A 309 -35.10 22.05 0.77
C LYS A 309 -36.34 22.54 1.53
N LEU A 310 -36.57 22.03 2.74
CA LEU A 310 -37.68 22.48 3.59
C LEU A 310 -37.37 23.69 4.45
N GLY A 311 -36.20 24.29 4.32
CA GLY A 311 -35.85 25.46 5.12
C GLY A 311 -35.43 25.15 6.55
N ALA A 312 -34.94 23.93 6.81
CA ALA A 312 -34.42 23.54 8.11
C ALA A 312 -32.93 23.20 7.95
N VAL A 313 -32.09 23.78 8.79
CA VAL A 313 -30.69 23.39 8.81
C VAL A 313 -30.64 21.94 9.31
N PRO A 314 -29.89 21.07 8.61
CA PRO A 314 -29.66 19.77 9.14
C PRO A 314 -29.27 19.70 10.61
N ARG A 315 -29.81 18.72 11.30
CA ARG A 315 -29.57 18.44 12.72
CA ARG A 315 -29.45 18.46 12.72
C ARG A 315 -29.26 16.94 12.89
N TYR A 316 -28.33 16.55 13.79
CA TYR A 316 -27.91 15.14 13.83
C TYR A 316 -28.13 14.44 15.17
N SER A 317 -28.60 15.17 16.15
CA SER A 317 -28.95 14.67 17.45
C SER A 317 -30.08 15.52 18.03
N MSE B 2 12.21 3.64 14.59
CA MSE B 2 11.49 2.44 14.04
C MSE B 2 10.25 2.88 13.21
O MSE B 2 9.28 3.36 13.76
CB MSE B 2 11.12 1.46 15.18
CG MSE B 2 10.00 0.41 14.91
SE MSE B 2 10.22 -0.93 13.45
CE MSE B 2 11.58 -2.13 14.40
N PRO B 3 10.30 2.74 11.87
CA PRO B 3 11.38 2.18 11.03
C PRO B 3 12.54 3.15 10.81
N PRO B 4 13.68 2.62 10.38
CA PRO B 4 14.76 3.53 10.00
C PRO B 4 14.48 4.26 8.68
N VAL B 5 15.16 5.39 8.48
CA VAL B 5 14.91 6.28 7.36
C VAL B 5 15.66 5.80 6.10
N TRP B 6 14.97 5.79 4.97
CA TRP B 6 15.56 5.39 3.69
C TRP B 6 15.85 6.60 2.86
N THR B 7 16.95 6.57 2.12
CA THR B 7 17.26 7.57 1.12
C THR B 7 16.86 7.02 -0.26
N LEU B 8 16.64 7.94 -1.20
CA LEU B 8 16.26 7.54 -2.54
C LEU B 8 17.38 6.70 -3.24
N PRO B 9 18.66 7.09 -3.14
CA PRO B 9 19.68 6.22 -3.77
C PRO B 9 19.71 4.79 -3.24
N ARG B 10 19.48 4.60 -1.95
CA ARG B 10 19.42 3.25 -1.38
C ARG B 10 18.18 2.47 -1.84
N LEU B 11 17.06 3.18 -1.97
CA LEU B 11 15.84 2.55 -2.48
C LEU B 11 16.13 2.05 -3.90
N TYR B 12 16.71 2.91 -4.73
CA TYR B 12 17.13 2.58 -6.08
C TYR B 12 18.06 1.37 -6.13
N GLN B 13 19.06 1.35 -5.24
CA GLN B 13 19.96 0.21 -5.11
C GLN B 13 19.24 -1.06 -4.74
N HIS B 14 18.18 -0.96 -3.94
CA HIS B 14 17.41 -2.13 -3.58
C HIS B 14 16.51 -2.58 -4.73
N PHE B 15 15.97 -1.66 -5.54
CA PHE B 15 15.26 -2.03 -6.75
C PHE B 15 16.21 -2.83 -7.67
N GLN B 16 17.42 -2.30 -7.88
CA GLN B 16 18.44 -2.99 -8.69
C GLN B 16 18.75 -4.38 -8.14
N GLY B 17 18.80 -4.52 -6.81
CA GLY B 17 19.07 -5.81 -6.20
C GLY B 17 17.94 -6.80 -6.37
N ALA B 18 16.73 -6.30 -6.24
CA ALA B 18 15.52 -7.09 -6.42
C ALA B 18 15.50 -7.66 -7.85
N ILE B 19 15.73 -6.81 -8.84
CA ILE B 19 15.72 -7.31 -10.22
C ILE B 19 16.90 -8.24 -10.52
N ASP B 20 18.05 -7.98 -9.92
CA ASP B 20 19.20 -8.85 -10.07
C ASP B 20 18.91 -10.25 -9.56
N LEU B 21 18.23 -10.34 -8.44
CA LEU B 21 17.89 -11.62 -7.86
C LEU B 21 16.84 -12.36 -8.70
N GLU B 22 15.81 -11.64 -9.14
CA GLU B 22 14.78 -12.24 -9.97
C GLU B 22 15.42 -12.77 -11.25
N LEU B 23 16.29 -11.96 -11.87
CA LEU B 23 17.03 -12.33 -13.07
C LEU B 23 17.94 -13.55 -12.86
N TRP B 24 18.66 -13.56 -11.74
CA TRP B 24 19.52 -14.69 -11.38
C TRP B 24 18.76 -16.02 -11.43
N THR B 25 17.54 -16.03 -10.91
CA THR B 25 16.70 -17.24 -10.87
C THR B 25 16.23 -17.74 -12.21
N ILE B 26 16.15 -16.86 -13.21
CA ILE B 26 15.63 -17.25 -14.52
C ILE B 26 16.54 -18.25 -15.27
N PRO B 27 17.83 -17.91 -15.57
CA PRO B 27 18.74 -18.93 -16.15
C PRO B 27 18.90 -20.18 -15.30
N TYR B 28 18.84 -20.03 -13.98
CA TYR B 28 18.94 -21.16 -13.08
C TYR B 28 17.81 -22.15 -13.28
N TYR B 29 16.59 -21.62 -13.28
CA TYR B 29 15.40 -22.43 -13.46
C TYR B 29 15.28 -22.97 -14.88
N LEU B 30 15.66 -22.16 -15.86
CA LEU B 30 15.60 -22.59 -17.26
C LEU B 30 16.56 -23.75 -17.55
N THR B 31 17.77 -23.68 -16.97
CA THR B 31 18.76 -24.72 -17.14
C THR B 31 18.22 -26.04 -16.57
N VAL B 32 17.62 -26.01 -15.37
CA VAL B 32 16.98 -27.22 -14.79
C VAL B 32 15.89 -27.71 -15.73
N LEU B 33 14.99 -26.80 -16.11
CA LEU B 33 13.85 -27.12 -16.97
C LEU B 33 14.24 -27.92 -18.21
N TYR B 34 15.13 -27.36 -19.02
CA TYR B 34 15.48 -27.95 -20.30
C TYR B 34 16.36 -29.18 -20.20
N SER B 35 16.94 -29.42 -19.03
CA SER B 35 17.60 -30.70 -18.73
C SER B 35 16.64 -31.90 -18.73
N ILE B 36 15.36 -31.67 -18.43
CA ILE B 36 14.36 -32.75 -18.31
C ILE B 36 13.97 -33.16 -19.70
N LYS B 37 14.28 -34.40 -20.07
CA LYS B 37 14.09 -34.91 -21.43
C LYS B 37 12.62 -34.85 -21.85
N ASP B 38 11.75 -35.31 -20.97
CA ASP B 38 10.32 -35.42 -21.25
C ASP B 38 9.58 -34.17 -20.76
N PRO B 39 9.11 -33.31 -21.71
CA PRO B 39 8.39 -32.09 -21.32
C PRO B 39 6.99 -32.31 -20.74
N THR B 40 6.43 -33.49 -20.89
CA THR B 40 5.10 -33.75 -20.34
C THR B 40 5.15 -34.08 -18.85
N THR B 41 6.35 -34.27 -18.30
CA THR B 41 6.46 -34.69 -16.89
C THR B 41 5.99 -33.58 -15.95
N VAL B 42 5.62 -33.99 -14.74
CA VAL B 42 5.14 -33.03 -13.74
C VAL B 42 6.21 -31.99 -13.32
N PRO B 43 7.46 -32.42 -13.08
CA PRO B 43 8.43 -31.40 -12.70
C PRO B 43 8.67 -30.39 -13.81
N TYR B 44 8.63 -30.85 -15.07
CA TYR B 44 8.83 -29.94 -16.21
C TYR B 44 7.74 -28.87 -16.23
N ARG B 45 6.49 -29.31 -16.14
CA ARG B 45 5.35 -28.40 -16.25
C ARG B 45 5.30 -27.45 -15.07
N LEU B 46 5.69 -27.94 -13.89
CA LEU B 46 5.77 -27.11 -12.68
C LEU B 46 6.87 -26.05 -12.77
N ILE B 47 8.07 -26.42 -13.21
CA ILE B 47 9.18 -25.46 -13.30
C ILE B 47 8.91 -24.42 -14.39
N GLN B 48 8.36 -24.89 -15.51
CA GLN B 48 8.02 -24.00 -16.61
C GLN B 48 7.12 -22.88 -16.15
N ALA B 49 6.06 -23.22 -15.42
CA ALA B 49 5.12 -22.19 -14.93
C ALA B 49 5.82 -21.22 -13.97
N ALA B 50 6.72 -21.75 -13.13
CA ALA B 50 7.49 -20.92 -12.17
C ALA B 50 8.45 -19.97 -12.86
N VAL B 51 9.08 -20.41 -13.95
CA VAL B 51 9.96 -19.53 -14.71
C VAL B 51 9.23 -18.34 -15.30
N TYR B 52 8.03 -18.61 -15.84
CA TYR B 52 7.21 -17.57 -16.42
C TYR B 52 6.82 -16.57 -15.35
N GLN B 53 6.57 -17.06 -14.14
CA GLN B 53 6.30 -16.15 -13.04
C GLN B 53 7.49 -15.33 -12.61
N GLU B 54 8.70 -15.88 -12.73
CA GLU B 54 9.92 -15.11 -12.44
C GLU B 54 10.09 -13.96 -13.44
N MSE B 55 9.82 -14.23 -14.72
CA MSE B 55 9.89 -13.21 -15.75
CA MSE B 55 9.90 -13.19 -15.77
C MSE B 55 8.90 -12.07 -15.44
O MSE B 55 9.25 -10.88 -15.52
CB MSE B 55 9.58 -13.85 -17.11
CB MSE B 55 9.62 -13.80 -17.16
CG MSE B 55 10.69 -14.80 -17.56
CG MSE B 55 10.00 -12.90 -18.42
SE MSE B 55 10.11 -15.93 -18.94
SE MSE B 55 11.92 -12.53 -18.81
CE MSE B 55 10.64 -14.83 -20.53
CE MSE B 55 11.99 -10.63 -18.26
N LEU B 56 7.69 -12.46 -15.08
CA LEU B 56 6.67 -11.50 -14.63
C LEU B 56 7.16 -10.68 -13.44
N HIS B 57 7.78 -11.34 -12.48
CA HIS B 57 8.40 -10.62 -11.35
C HIS B 57 9.39 -9.59 -11.76
N ALA B 58 10.29 -9.93 -12.70
CA ALA B 58 11.24 -8.94 -13.20
C ALA B 58 10.51 -7.74 -13.79
N GLN B 59 9.49 -7.99 -14.60
CA GLN B 59 8.67 -6.93 -15.17
C GLN B 59 8.03 -6.04 -14.10
N LEU B 60 7.49 -6.69 -13.06
CA LEU B 60 6.85 -5.97 -11.95
C LEU B 60 7.82 -5.11 -11.18
N VAL B 61 9.01 -5.65 -10.89
CA VAL B 61 10.05 -4.86 -10.22
C VAL B 61 10.47 -3.67 -11.07
N SER B 62 10.63 -3.87 -12.39
CA SER B 62 10.94 -2.76 -13.31
C SER B 62 9.84 -1.69 -13.26
N ASN B 63 8.57 -2.11 -13.28
CA ASN B 63 7.46 -1.17 -13.20
C ASN B 63 7.43 -0.40 -11.89
N ILE B 64 7.63 -1.10 -10.77
CA ILE B 64 7.70 -0.43 -9.46
C ILE B 64 8.83 0.60 -9.43
N ALA B 65 10.04 0.14 -9.75
CA ALA B 65 11.23 1.01 -9.83
C ALA B 65 11.04 2.21 -10.74
N ASN B 66 10.54 1.97 -11.95
CA ASN B 66 10.30 3.05 -12.92
C ASN B 66 9.28 4.10 -12.44
N ALA B 67 8.24 3.65 -11.74
CA ALA B 67 7.28 4.55 -11.08
C ALA B 67 7.97 5.49 -10.10
N TYR B 68 9.01 4.99 -9.40
CA TYR B 68 9.82 5.79 -8.45
C TYR B 68 10.95 6.59 -9.11
N GLY B 69 11.08 6.46 -10.44
CA GLY B 69 12.05 7.19 -11.20
C GLY B 69 13.34 6.44 -11.61
N TYR B 70 13.43 5.16 -11.31
CA TYR B 70 14.64 4.36 -11.59
C TYR B 70 14.38 3.26 -12.63
N SER B 71 15.09 3.32 -13.76
CA SER B 71 15.07 2.23 -14.73
C SER B 71 16.17 1.24 -14.43
N PRO B 72 15.82 0.00 -14.09
CA PRO B 72 16.92 -0.95 -13.81
C PRO B 72 17.65 -1.37 -15.07
N THR B 73 18.86 -1.87 -14.90
CA THR B 73 19.65 -2.39 -16.01
C THR B 73 19.98 -3.83 -15.72
N LEU B 74 19.99 -4.68 -16.72
CA LEU B 74 20.27 -6.08 -16.53
C LEU B 74 21.63 -6.46 -17.07
N SER B 75 22.36 -7.25 -16.31
CA SER B 75 23.60 -7.87 -16.76
C SER B 75 23.49 -9.36 -16.62
N ALA B 76 24.34 -10.08 -17.33
CA ALA B 76 24.40 -11.53 -17.20
C ALA B 76 24.74 -11.90 -15.75
N PRO B 77 23.90 -12.72 -15.12
CA PRO B 77 24.23 -13.19 -13.78
C PRO B 77 25.33 -14.23 -13.82
N GLU B 78 25.91 -14.48 -12.66
CA GLU B 78 26.98 -15.47 -12.51
C GLU B 78 26.50 -16.59 -11.62
N TYR B 79 27.05 -17.78 -11.85
CA TYR B 79 26.61 -19.02 -11.19
C TYR B 79 27.86 -19.74 -10.69
N VAL B 80 28.29 -19.35 -9.50
CA VAL B 80 29.56 -19.74 -8.94
C VAL B 80 29.42 -20.05 -7.45
N GLY B 81 30.06 -21.14 -7.03
CA GLY B 81 30.03 -21.56 -5.63
C GLY B 81 28.61 -21.73 -5.13
N THR B 82 28.29 -21.01 -4.08
CA THR B 82 26.95 -21.03 -3.49
C THR B 82 26.38 -19.62 -3.34
N ALA B 83 26.94 -18.68 -4.12
CA ALA B 83 26.51 -17.28 -4.03
C ALA B 83 25.19 -17.05 -4.76
N VAL B 84 24.15 -16.69 -3.99
CA VAL B 84 22.87 -16.27 -4.51
C VAL B 84 22.75 -14.77 -4.21
N PRO B 85 22.37 -13.94 -5.22
CA PRO B 85 22.34 -12.49 -5.00
C PRO B 85 21.47 -12.00 -3.85
N HIS B 86 22.10 -11.36 -2.86
CA HIS B 86 21.42 -10.68 -1.75
C HIS B 86 20.73 -11.62 -0.75
N ILE B 87 21.10 -12.90 -0.75
CA ILE B 87 20.55 -13.87 0.19
C ILE B 87 21.65 -14.55 0.98
N ASP B 88 21.54 -14.48 2.29
CA ASP B 88 22.46 -15.14 3.21
C ASP B 88 21.65 -16.04 4.14
N PHE B 89 21.79 -17.34 3.95
CA PHE B 89 21.02 -18.33 4.70
C PHE B 89 21.53 -18.48 6.14
N ASP B 90 22.74 -17.98 6.39
CA ASP B 90 23.36 -17.94 7.72
C ASP B 90 22.60 -17.03 8.68
N LEU B 91 21.77 -16.14 8.12
CA LEU B 91 20.93 -15.24 8.89
C LEU B 91 19.71 -15.97 9.48
N ASP B 92 19.38 -17.13 8.92
CA ASP B 92 18.16 -17.88 9.29
C ASP B 92 18.41 -18.91 10.37
N THR B 93 17.40 -19.14 11.20
CA THR B 93 17.45 -20.19 12.24
C THR B 93 16.19 -21.09 12.10
N PRO B 94 16.39 -22.39 11.76
CA PRO B 94 17.68 -23.02 11.45
C PRO B 94 18.20 -22.53 10.08
N ASN B 95 19.50 -22.70 9.85
CA ASN B 95 20.06 -22.45 8.52
C ASN B 95 19.45 -23.49 7.57
N PRO B 96 18.69 -23.03 6.55
CA PRO B 96 18.01 -24.01 5.73
C PRO B 96 18.97 -24.85 4.88
N THR B 97 20.21 -24.38 4.68
CA THR B 97 21.17 -25.21 3.92
C THR B 97 21.57 -26.46 4.72
N SER B 98 21.17 -26.50 5.99
CA SER B 98 21.25 -27.69 6.82
C SER B 98 20.23 -28.73 6.35
N ILE B 99 19.05 -28.28 5.91
CA ILE B 99 17.99 -29.15 5.39
C ILE B 99 18.24 -29.48 3.91
N PHE B 100 18.35 -28.42 3.10
CA PHE B 100 18.43 -28.55 1.65
C PHE B 100 19.88 -28.65 1.17
N THR B 101 20.53 -29.76 1.54
CA THR B 101 21.91 -30.02 1.17
C THR B 101 21.92 -31.38 0.47
N PRO B 102 22.70 -31.50 -0.62
CA PRO B 102 23.61 -30.53 -1.20
C PRO B 102 22.92 -29.48 -2.04
N TYR B 103 23.60 -28.37 -2.24
CA TYR B 103 23.09 -27.29 -3.07
C TYR B 103 24.27 -26.53 -3.72
N SER B 104 23.98 -25.74 -4.74
CA SER B 104 25.02 -25.01 -5.46
C SER B 104 24.44 -23.90 -6.32
N ALA B 105 25.15 -22.78 -6.40
CA ALA B 105 24.77 -21.70 -7.27
C ALA B 105 25.21 -22.04 -8.69
N GLU B 106 25.93 -23.16 -8.88
CA GLU B 106 26.34 -23.59 -10.21
C GLU B 106 25.15 -24.16 -10.93
N LEU B 107 25.13 -23.98 -12.24
CA LEU B 107 24.06 -24.44 -13.10
C LEU B 107 24.19 -25.93 -13.32
N GLY B 108 23.05 -26.62 -13.42
CA GLY B 108 23.02 -28.05 -13.69
C GLY B 108 21.62 -28.54 -14.02
N PRO B 109 21.45 -29.87 -14.08
CA PRO B 109 20.18 -30.45 -14.48
C PRO B 109 19.23 -30.58 -13.31
N LEU B 110 18.09 -31.21 -13.53
CA LEU B 110 17.18 -31.54 -12.44
C LEU B 110 17.84 -32.68 -11.63
N ASP B 111 18.61 -32.30 -10.62
CA ASP B 111 19.22 -33.24 -9.69
C ASP B 111 19.00 -32.71 -8.29
N LEU B 112 19.30 -33.51 -7.27
CA LEU B 112 19.04 -33.13 -5.89
C LEU B 112 19.66 -31.78 -5.51
N THR B 113 20.90 -31.58 -5.96
CA THR B 113 21.64 -30.33 -5.72
C THR B 113 20.90 -29.11 -6.29
N ARG B 114 20.37 -29.24 -7.51
CA ARG B 114 19.58 -28.13 -8.11
C ARG B 114 18.19 -27.95 -7.51
N VAL B 115 17.47 -29.05 -7.25
CA VAL B 115 16.14 -28.93 -6.63
C VAL B 115 16.26 -28.33 -5.24
N ASN B 116 17.27 -28.77 -4.48
CA ASN B 116 17.55 -28.18 -3.17
C ASN B 116 17.75 -26.66 -3.25
N THR B 117 18.65 -26.22 -4.14
CA THR B 117 18.91 -24.78 -4.32
C THR B 117 17.63 -24.02 -4.69
N MSE B 118 16.76 -24.60 -5.52
CA MSE B 118 15.47 -23.97 -5.85
C MSE B 118 14.53 -23.88 -4.66
O MSE B 118 13.80 -22.89 -4.54
CB MSE B 118 14.79 -24.71 -7.01
CG MSE B 118 15.56 -24.55 -8.29
SE MSE B 118 14.75 -25.52 -9.70
CE MSE B 118 15.36 -27.21 -9.37
N CYS B 119 14.57 -24.88 -3.79
CA CYS B 119 13.79 -24.86 -2.54
C CYS B 119 14.34 -23.76 -1.60
N LEU B 120 15.67 -23.64 -1.55
CA LEU B 120 16.35 -22.59 -0.76
C LEU B 120 16.04 -21.17 -1.27
N ILE B 121 16.05 -20.98 -2.59
CA ILE B 121 15.78 -19.65 -3.18
C ILE B 121 14.39 -19.17 -2.82
N GLU B 122 13.42 -20.07 -2.86
CA GLU B 122 12.03 -19.73 -2.53
C GLU B 122 11.71 -19.98 -1.06
N TYR B 123 12.74 -20.24 -0.24
CA TYR B 123 12.55 -20.51 1.19
C TYR B 123 11.68 -19.41 1.79
N PRO B 124 10.53 -19.78 2.38
CA PRO B 124 9.60 -18.78 2.96
C PRO B 124 10.19 -18.01 4.17
N GLU B 125 9.89 -16.72 4.21
CA GLU B 125 10.33 -15.83 5.28
C GLU B 125 9.90 -16.29 6.66
N TRP B 126 8.66 -16.77 6.79
CA TRP B 126 8.13 -17.17 8.09
C TRP B 126 8.98 -18.26 8.77
N ARG B 127 9.61 -19.12 7.96
CA ARG B 127 10.50 -20.20 8.45
C ARG B 127 11.89 -19.73 8.94
N THR B 128 12.30 -18.52 8.56
CA THR B 128 13.64 -18.02 8.91
C THR B 128 13.77 -17.68 10.39
N GLN B 129 12.64 -17.41 11.04
CA GLN B 129 12.60 -16.97 12.43
C GLN B 129 13.51 -15.76 12.63
N ARG B 130 13.30 -14.70 11.83
CA ARG B 130 14.02 -13.46 12.09
C ARG B 130 13.18 -12.23 11.84
N GLU B 131 13.43 -11.21 12.65
CA GLU B 131 12.88 -9.88 12.46
C GLU B 131 13.56 -9.32 11.19
N PRO B 132 12.76 -8.96 10.18
CA PRO B 132 13.37 -8.36 8.98
C PRO B 132 14.29 -7.19 9.34
N ASP B 133 15.40 -7.10 8.62
CA ASP B 133 16.36 -6.02 8.84
C ASP B 133 16.01 -4.90 7.88
N LEU B 134 15.44 -3.83 8.42
CA LEU B 134 14.84 -2.74 7.62
C LEU B 134 15.78 -1.56 7.33
N ALA B 135 17.03 -1.64 7.78
CA ALA B 135 17.99 -0.56 7.50
C ALA B 135 18.27 -0.50 5.97
N ASP B 136 18.38 0.71 5.43
CA ASP B 136 18.56 0.91 4.01
C ASP B 136 19.95 0.56 3.50
N ASP B 137 20.88 0.26 4.40
CA ASP B 137 22.20 -0.19 4.01
C ASP B 137 22.39 -1.72 4.08
N VAL B 138 21.34 -2.47 4.39
CA VAL B 138 21.41 -3.93 4.37
C VAL B 138 21.45 -4.40 2.92
N THR B 139 22.29 -5.39 2.65
CA THR B 139 22.47 -5.92 1.32
C THR B 139 22.04 -7.38 1.24
N ASP B 140 22.17 -8.10 2.36
CA ASP B 140 21.85 -9.52 2.41
C ASP B 140 20.73 -9.78 3.39
N TYR B 141 19.82 -10.67 2.98
CA TYR B 141 18.60 -11.01 3.69
C TYR B 141 18.47 -12.52 3.77
N GLY B 142 17.68 -12.99 4.71
CA GLY B 142 17.52 -14.42 4.96
C GLY B 142 16.55 -15.11 4.03
N SER B 143 15.78 -14.32 3.27
CA SER B 143 14.79 -14.84 2.33
C SER B 143 14.38 -13.71 1.37
N ILE B 144 13.73 -14.07 0.27
CA ILE B 144 13.26 -13.09 -0.70
C ILE B 144 12.12 -12.26 -0.06
N GLY B 145 11.28 -12.94 0.71
CA GLY B 145 10.19 -12.29 1.44
C GLY B 145 10.68 -11.18 2.37
N GLU B 146 11.82 -11.41 3.00
CA GLU B 146 12.43 -10.41 3.88
C GLU B 146 12.98 -9.24 3.07
N PHE B 147 13.57 -9.54 1.92
CA PHE B 147 14.05 -8.51 1.00
C PHE B 147 12.90 -7.58 0.70
N TYR B 148 11.75 -8.16 0.34
CA TYR B 148 10.61 -7.36 -0.03
C TYR B 148 9.98 -6.65 1.14
N ASP B 149 10.05 -7.22 2.33
CA ASP B 149 9.61 -6.50 3.52
C ASP B 149 10.35 -5.18 3.70
N ALA B 150 11.67 -5.21 3.53
CA ALA B 150 12.49 -3.98 3.60
C ALA B 150 12.17 -3.02 2.45
N LEU B 151 12.01 -3.56 1.24
CA LEU B 151 11.69 -2.73 0.09
C LEU B 151 10.39 -1.93 0.32
N ARG B 152 9.35 -2.59 0.84
CA ARG B 152 8.09 -1.91 1.19
C ARG B 152 8.27 -0.70 2.11
N VAL B 153 9.19 -0.81 3.06
CA VAL B 153 9.46 0.29 4.00
C VAL B 153 10.02 1.53 3.28
N GLY B 154 11.06 1.37 2.49
CA GLY B 154 11.58 2.45 1.64
C GLY B 154 10.58 3.02 0.65
N MSE B 155 9.76 2.15 0.06
CA MSE B 155 8.75 2.55 -0.88
C MSE B 155 7.67 3.44 -0.23
O MSE B 155 7.16 4.40 -0.85
CB MSE B 155 8.09 1.29 -1.47
CG MSE B 155 9.00 0.50 -2.44
SE MSE B 155 8.09 -1.15 -2.92
CE MSE B 155 6.40 -0.49 -3.62
N GLU B 156 7.29 3.09 0.98
CA GLU B 156 6.31 3.87 1.69
C GLU B 156 6.87 5.21 2.05
N GLN B 157 8.09 5.24 2.56
CA GLN B 157 8.69 6.50 2.98
C GLN B 157 8.91 7.44 1.82
N LEU B 158 9.21 6.89 0.66
CA LEU B 158 9.55 7.70 -0.50
C LEU B 158 8.43 7.78 -1.56
N ARG B 159 7.23 7.44 -1.14
CA ARG B 159 6.01 7.45 -1.98
C ARG B 159 5.78 8.77 -2.73
N GLY B 160 6.31 9.87 -2.21
CA GLY B 160 6.20 11.17 -2.88
C GLY B 160 6.80 11.16 -4.24
N HIS B 161 7.76 10.28 -4.49
CA HIS B 161 8.38 10.17 -5.80
C HIS B 161 7.56 9.42 -6.86
N VAL B 162 6.50 8.73 -6.44
CA VAL B 162 5.73 7.90 -7.38
C VAL B 162 5.01 8.74 -8.43
N ARG B 163 5.34 8.48 -9.69
CA ARG B 163 4.70 9.13 -10.84
C ARG B 163 4.03 8.07 -11.69
N GLY B 164 2.78 8.30 -12.06
CA GLY B 164 2.00 7.34 -12.84
C GLY B 164 2.39 7.23 -14.32
N ASN B 165 2.17 6.06 -14.88
CA ASN B 165 2.42 5.79 -16.30
C ASN B 165 3.84 6.14 -16.79
N GLN B 166 4.82 5.91 -15.92
CA GLN B 166 6.20 6.30 -16.12
C GLN B 166 7.03 5.09 -16.47
N LYS B 167 7.38 4.99 -17.75
CA LYS B 167 8.21 3.90 -18.30
C LYS B 167 7.73 2.52 -17.87
N GLN B 168 6.43 2.31 -18.01
CA GLN B 168 5.80 1.07 -17.60
C GLN B 168 5.78 0.09 -18.75
N MSE B 169 5.81 -1.18 -18.39
CA MSE B 169 5.85 -2.24 -19.33
C MSE B 169 4.77 -3.26 -19.02
O MSE B 169 4.49 -3.54 -17.85
CB MSE B 169 7.21 -2.86 -19.23
CG MSE B 169 7.31 -4.22 -19.79
SE MSE B 169 9.13 -4.63 -19.55
CE MSE B 169 9.00 -6.62 -20.02
N ASP B 170 4.19 -3.85 -20.06
CA ASP B 170 3.16 -4.87 -19.84
C ASP B 170 3.14 -5.95 -20.92
N GLU B 171 4.01 -6.94 -20.72
CA GLU B 171 4.08 -8.11 -21.55
C GLU B 171 3.60 -9.29 -20.72
N PRO B 180 -5.37 -8.23 -12.43
CA PRO B 180 -5.20 -6.80 -12.21
C PRO B 180 -4.21 -6.14 -13.22
N PRO B 181 -4.08 -4.78 -13.18
CA PRO B 181 -3.32 -3.93 -14.15
C PRO B 181 -1.91 -4.35 -14.56
N LEU B 182 -1.12 -4.70 -13.55
CA LEU B 182 0.33 -5.01 -13.61
C LEU B 182 1.27 -3.82 -13.82
N THR B 183 0.73 -2.60 -13.89
CA THR B 183 1.52 -1.36 -13.99
C THR B 183 1.06 -0.33 -12.94
N VAL B 184 1.91 0.68 -12.70
CA VAL B 184 1.60 1.82 -11.85
C VAL B 184 1.10 2.96 -12.78
N THR B 185 -0.19 3.23 -12.70
CA THR B 185 -0.87 4.22 -13.52
C THR B 185 -1.15 5.56 -12.82
N GLU B 186 -1.08 5.59 -11.48
CA GLU B 186 -1.33 6.79 -10.69
C GLU B 186 -0.05 7.27 -10.02
N SER B 187 -0.09 8.52 -9.56
CA SER B 187 1.02 9.15 -8.88
C SER B 187 0.82 9.22 -7.37
N GLY B 188 1.89 9.59 -6.66
CA GLY B 188 1.81 9.80 -5.22
C GLY B 188 1.27 8.57 -4.50
N ASP B 189 0.45 8.80 -3.49
CA ASP B 189 -0.01 7.73 -2.59
C ASP B 189 -0.76 6.65 -3.33
N ALA B 190 -1.62 7.06 -4.27
CA ALA B 190 -2.40 6.14 -5.08
C ALA B 190 -1.52 5.15 -5.87
N GLY B 191 -0.45 5.65 -6.46
CA GLY B 191 0.49 4.83 -7.21
C GLY B 191 1.31 3.95 -6.30
N PHE B 192 1.64 4.49 -5.13
CA PHE B 192 2.36 3.71 -4.12
C PHE B 192 1.52 2.49 -3.70
N LEU B 193 0.22 2.67 -3.46
CA LEU B 193 -0.67 1.53 -3.18
C LEU B 193 -0.76 0.52 -4.35
N GLN B 194 -0.80 1.00 -5.59
CA GLN B 194 -0.68 0.10 -6.76
C GLN B 194 0.63 -0.70 -6.72
N ALA B 195 1.73 0.01 -6.43
CA ALA B 195 3.03 -0.63 -6.34
C ALA B 195 3.03 -1.73 -5.27
N LEU B 196 2.35 -1.50 -4.13
CA LEU B 196 2.26 -2.50 -3.07
C LEU B 196 1.56 -3.76 -3.57
N THR B 197 0.55 -3.59 -4.40
CA THR B 197 -0.15 -4.73 -4.93
C THR B 197 0.79 -5.55 -5.79
N LEU B 198 1.65 -4.86 -6.55
CA LEU B 198 2.65 -5.52 -7.39
C LEU B 198 3.67 -6.32 -6.56
N VAL B 199 4.13 -5.74 -5.47
CA VAL B 199 4.99 -6.46 -4.52
C VAL B 199 4.28 -7.71 -3.97
N ASP B 200 2.99 -7.58 -3.61
CA ASP B 200 2.23 -8.70 -3.04
C ASP B 200 2.16 -9.86 -4.02
N ILE B 201 1.93 -9.55 -5.29
CA ILE B 201 1.97 -10.55 -6.36
C ILE B 201 3.29 -11.29 -6.46
N ILE B 202 4.39 -10.56 -6.36
CA ILE B 202 5.72 -11.13 -6.42
C ILE B 202 5.95 -12.11 -5.27
N VAL B 203 5.68 -11.66 -4.06
CA VAL B 203 5.93 -12.46 -2.86
C VAL B 203 4.93 -13.63 -2.69
N ASP B 204 3.65 -13.41 -2.96
CA ASP B 204 2.62 -14.49 -2.92
C ASP B 204 2.96 -15.66 -3.88
N GLN B 205 3.56 -15.32 -5.03
CA GLN B 205 3.97 -16.32 -5.99
C GLN B 205 5.23 -17.08 -5.54
N PRO B 232 2.41 -22.05 -4.62
CA PRO B 232 3.59 -21.17 -4.64
C PRO B 232 4.84 -21.94 -5.02
N HIS B 233 5.89 -21.22 -5.41
CA HIS B 233 7.10 -21.85 -5.98
C HIS B 233 7.74 -22.79 -4.96
N PHE B 234 7.87 -22.34 -3.71
CA PHE B 234 8.48 -23.20 -2.67
C PHE B 234 7.78 -24.55 -2.56
N GLN B 235 6.47 -24.52 -2.37
CA GLN B 235 5.70 -25.78 -2.25
C GLN B 235 5.88 -26.65 -3.50
N ARG B 236 5.80 -26.03 -4.68
CA ARG B 236 6.05 -26.68 -5.96
C ARG B 236 7.39 -27.43 -5.97
N PHE B 237 8.44 -26.72 -5.57
CA PHE B 237 9.79 -27.28 -5.59
C PHE B 237 10.03 -28.32 -4.48
N ASP B 238 9.46 -28.08 -3.30
CA ASP B 238 9.50 -29.08 -2.21
C ASP B 238 8.82 -30.37 -2.67
N PHE B 239 7.70 -30.24 -3.39
CA PHE B 239 7.03 -31.41 -3.98
C PHE B 239 7.98 -32.23 -4.87
N ILE B 240 8.68 -31.55 -5.77
CA ILE B 240 9.59 -32.23 -6.70
C ILE B 240 10.74 -32.89 -5.92
N ARG B 241 11.26 -32.20 -4.91
CA ARG B 241 12.34 -32.73 -4.04
C ARG B 241 11.92 -34.04 -3.35
N ARG B 242 10.64 -34.16 -3.02
CA ARG B 242 10.09 -35.33 -2.33
C ARG B 242 9.67 -36.50 -3.23
N MSE B 243 9.65 -36.32 -4.55
CA MSE B 243 9.17 -37.38 -5.44
C MSE B 243 10.02 -38.65 -5.43
O MSE B 243 11.24 -38.59 -5.34
CB MSE B 243 9.14 -36.90 -6.88
CG MSE B 243 8.19 -35.79 -7.15
SE MSE B 243 8.50 -35.25 -8.96
CE MSE B 243 10.46 -35.23 -8.98
N PRO B 244 9.36 -39.82 -5.56
CA PRO B 244 10.13 -41.05 -5.64
C PRO B 244 10.85 -41.23 -6.97
N ASN B 245 10.22 -40.82 -8.06
CA ASN B 245 10.76 -41.09 -9.40
C ASN B 245 10.95 -39.86 -10.25
N TRP B 246 12.19 -39.41 -10.35
CA TRP B 246 12.50 -38.23 -11.13
C TRP B 246 12.65 -38.62 -12.60
N PRO B 247 12.23 -37.72 -13.50
CA PRO B 247 12.36 -38.02 -14.92
C PRO B 247 13.81 -37.99 -15.40
N GLY B 248 14.06 -38.65 -16.53
CA GLY B 248 15.40 -38.66 -17.13
C GLY B 248 15.85 -37.26 -17.49
N VAL B 249 17.14 -37.01 -17.30
CA VAL B 249 17.70 -35.71 -17.64
C VAL B 249 18.84 -35.90 -18.61
N TYR B 250 19.07 -34.89 -19.44
CA TYR B 250 20.25 -34.89 -20.30
C TYR B 250 21.49 -34.81 -19.41
N THR B 251 22.56 -35.36 -19.96
CA THR B 251 23.84 -35.34 -19.32
C THR B 251 24.65 -34.27 -20.04
N GLY B 252 25.51 -33.58 -19.31
CA GLY B 252 26.39 -32.60 -19.93
C GLY B 252 27.56 -32.14 -19.09
N VAL B 253 28.60 -31.64 -19.76
CA VAL B 253 29.76 -31.10 -19.05
C VAL B 253 29.73 -29.59 -19.14
N THR B 254 30.30 -28.95 -18.13
CA THR B 254 30.28 -27.50 -18.04
C THR B 254 31.30 -26.86 -18.99
N ASP B 255 32.33 -27.61 -19.37
CA ASP B 255 33.41 -27.10 -20.23
C ASP B 255 33.71 -28.04 -21.37
N PRO B 256 32.87 -28.05 -22.42
CA PRO B 256 33.09 -28.92 -23.56
C PRO B 256 34.30 -28.43 -24.34
N PRO B 257 34.92 -29.31 -25.13
CA PRO B 257 36.11 -28.89 -25.88
C PRO B 257 35.89 -27.62 -26.69
N ALA B 258 36.85 -26.71 -26.56
CA ALA B 258 36.81 -25.37 -27.17
C ALA B 258 36.10 -25.33 -28.51
N GLY B 259 36.51 -26.24 -29.39
CA GLY B 259 36.00 -26.29 -30.76
C GLY B 259 34.86 -27.27 -31.07
N SER B 260 34.19 -27.79 -30.04
CA SER B 260 33.12 -28.77 -30.26
C SER B 260 31.76 -28.11 -30.51
N PRO B 261 30.81 -28.87 -31.13
CA PRO B 261 29.44 -28.45 -31.32
C PRO B 261 28.74 -27.92 -30.05
N GLY B 262 29.09 -28.53 -28.91
CA GLY B 262 28.59 -28.13 -27.61
C GLY B 262 29.13 -26.79 -27.17
N ALA B 263 30.41 -26.53 -27.38
CA ALA B 263 30.97 -25.21 -27.01
C ALA B 263 30.36 -24.14 -27.91
N GLU B 264 30.14 -24.45 -29.18
CA GLU B 264 29.49 -23.53 -30.10
C GLU B 264 28.00 -23.34 -29.73
N ALA B 265 27.35 -24.35 -29.14
CA ALA B 265 25.99 -24.20 -28.61
C ALA B 265 26.03 -23.22 -27.42
N GLN B 266 26.99 -23.43 -26.52
CA GLN B 266 27.18 -22.50 -25.42
C GLN B 266 27.41 -21.08 -25.92
N ALA B 267 28.25 -20.90 -26.96
CA ALA B 267 28.53 -19.56 -27.48
C ALA B 267 27.28 -18.94 -28.07
N ARG B 268 26.48 -19.73 -28.76
CA ARG B 268 25.23 -19.23 -29.32
C ARG B 268 24.29 -18.73 -28.24
N LEU B 269 24.19 -19.50 -27.15
CA LEU B 269 23.36 -19.10 -25.99
C LEU B 269 23.90 -17.81 -25.32
N ILE B 270 25.22 -17.74 -25.13
CA ILE B 270 25.84 -16.52 -24.57
C ILE B 270 25.55 -15.29 -25.45
N ALA B 271 25.65 -15.43 -26.76
CA ALA B 271 25.39 -14.34 -27.69
C ALA B 271 23.92 -13.92 -27.73
N ASP B 272 23.02 -14.90 -27.79
CA ASP B 272 21.60 -14.63 -27.79
C ASP B 272 21.13 -14.04 -26.46
N PHE B 273 21.66 -14.55 -25.35
CA PHE B 273 21.29 -14.02 -24.03
C PHE B 273 21.72 -12.57 -23.88
N ALA B 274 22.92 -12.26 -24.38
CA ALA B 274 23.42 -10.89 -24.30
C ALA B 274 22.50 -9.97 -25.09
N GLY B 275 22.12 -10.41 -26.29
CA GLY B 275 21.20 -9.68 -27.15
C GLY B 275 19.85 -9.48 -26.52
N PHE B 276 19.36 -10.53 -25.84
CA PHE B 276 18.08 -10.47 -25.15
C PHE B 276 18.07 -9.45 -23.99
N LEU B 277 19.14 -9.45 -23.20
CA LEU B 277 19.31 -8.47 -22.13
C LEU B 277 19.39 -7.04 -22.69
N ASP B 278 20.02 -6.84 -23.84
CA ASP B 278 19.98 -5.52 -24.50
C ASP B 278 18.53 -5.12 -24.83
N ILE B 279 17.72 -6.08 -25.30
CA ILE B 279 16.30 -5.84 -25.63
C ILE B 279 15.57 -5.42 -24.35
N LEU B 280 15.71 -6.22 -23.31
CA LEU B 280 15.10 -5.91 -22.01
C LEU B 280 15.53 -4.56 -21.44
N ASN B 281 16.81 -4.23 -21.54
CA ASN B 281 17.29 -2.97 -21.01
C ASN B 281 16.58 -1.78 -21.66
N GLY B 282 16.36 -1.86 -22.97
CA GLY B 282 15.66 -0.79 -23.68
C GLY B 282 14.21 -0.70 -23.24
N MSE B 283 13.59 -1.86 -23.06
CA MSE B 283 12.23 -1.99 -22.54
C MSE B 283 12.02 -1.51 -21.08
O MSE B 283 10.97 -0.96 -20.73
CB MSE B 283 11.77 -3.45 -22.69
CG MSE B 283 11.42 -3.85 -24.15
SE MSE B 283 11.27 -5.79 -24.34
CE MSE B 283 9.50 -6.02 -23.48
N PHE B 284 13.01 -1.75 -20.23
CA PHE B 284 13.02 -1.32 -18.83
C PHE B 284 13.33 0.17 -18.67
N SER B 285 13.75 0.81 -19.76
CA SER B 285 14.07 2.24 -19.78
CA SER B 285 14.08 2.24 -19.79
C SER B 285 13.04 3.02 -20.60
N GLY B 286 11.90 2.40 -20.86
CA GLY B 286 10.79 3.06 -21.52
C GLY B 286 10.67 2.88 -22.99
N GLY B 287 11.55 2.07 -23.58
CA GLY B 287 11.51 1.81 -25.02
C GLY B 287 10.37 0.87 -25.40
N GLY B 288 9.94 0.93 -26.64
CA GLY B 288 8.89 0.00 -27.09
C GLY B 288 9.47 -1.40 -27.26
N ALA B 289 8.62 -2.41 -27.07
CA ALA B 289 9.04 -3.79 -27.27
C ALA B 289 9.30 -3.96 -28.78
N PRO B 290 10.52 -4.33 -29.16
CA PRO B 290 10.79 -4.49 -30.60
C PRO B 290 10.14 -5.77 -31.11
N PRO B 291 9.92 -5.90 -32.44
CA PRO B 291 9.45 -7.19 -32.98
C PRO B 291 10.42 -8.34 -32.59
N ALA B 292 11.71 -8.01 -32.43
CA ALA B 292 12.73 -8.93 -31.91
C ALA B 292 12.49 -9.55 -30.51
N PHE B 293 11.44 -9.11 -29.80
CA PHE B 293 11.19 -9.60 -28.41
C PHE B 293 10.65 -11.05 -28.29
N GLY B 294 9.53 -11.36 -28.95
CA GLY B 294 9.02 -12.75 -29.00
C GLY B 294 9.94 -13.72 -29.76
N VAL B 295 10.53 -13.24 -30.86
CA VAL B 295 11.45 -14.05 -31.66
C VAL B 295 12.72 -14.42 -30.87
N GLN B 296 13.21 -13.48 -30.05
CA GLN B 296 14.44 -13.69 -29.26
C GLN B 296 14.23 -14.61 -28.06
N MSE B 297 13.06 -14.54 -27.42
CA MSE B 297 12.76 -15.42 -26.28
C MSE B 297 12.59 -16.87 -26.69
O MSE B 297 13.09 -17.76 -26.00
CB MSE B 297 11.49 -15.00 -25.56
CG MSE B 297 11.69 -13.93 -24.54
SE MSE B 297 10.45 -14.07 -23.06
CE MSE B 297 8.77 -14.25 -24.17
N ALA B 298 11.85 -17.10 -27.76
CA ALA B 298 11.63 -18.44 -28.33
C ALA B 298 12.94 -19.15 -28.67
N LYS B 299 13.87 -18.41 -29.24
CA LYS B 299 15.19 -18.94 -29.59
C LYS B 299 16.03 -19.23 -28.35
N LEU B 300 15.82 -18.51 -27.24
CA LEU B 300 16.62 -18.75 -26.03
C LEU B 300 16.32 -20.12 -25.43
N GLY B 301 15.06 -20.52 -25.46
CA GLY B 301 14.70 -21.84 -24.98
C GLY B 301 15.28 -22.91 -25.87
N GLY B 302 15.22 -22.68 -27.18
CA GLY B 302 15.83 -23.58 -28.14
C GLY B 302 17.32 -23.68 -27.93
N ASP B 303 17.95 -22.54 -27.66
CA ASP B 303 19.39 -22.45 -27.41
C ASP B 303 19.80 -23.28 -26.21
N ILE B 304 19.00 -23.20 -25.15
CA ILE B 304 19.28 -23.88 -23.89
C ILE B 304 19.12 -25.38 -24.06
N LEU B 305 18.02 -25.78 -24.71
CA LEU B 305 17.77 -27.20 -24.99
C LEU B 305 18.85 -27.79 -25.86
N SER B 306 19.32 -27.02 -26.84
CA SER B 306 20.37 -27.46 -27.77
C SER B 306 21.69 -27.76 -27.06
N CYS B 307 22.07 -26.95 -26.09
CA CYS B 307 23.24 -27.20 -25.26
C CYS B 307 23.15 -28.57 -24.63
N TRP B 308 22.04 -28.84 -23.94
CA TRP B 308 21.83 -30.12 -23.26
C TRP B 308 21.87 -31.30 -24.22
N LYS B 309 21.17 -31.15 -25.34
CA LYS B 309 21.15 -32.19 -26.37
C LYS B 309 22.55 -32.48 -26.91
N LEU B 310 23.43 -31.47 -26.93
CA LEU B 310 24.82 -31.65 -27.38
C LEU B 310 25.81 -32.02 -26.25
N GLY B 311 25.31 -32.24 -25.03
CA GLY B 311 26.16 -32.64 -23.90
C GLY B 311 26.92 -31.50 -23.23
N ALA B 312 26.41 -30.27 -23.39
CA ALA B 312 27.01 -29.08 -22.82
C ALA B 312 26.02 -28.49 -21.82
N VAL B 313 26.46 -28.25 -20.60
CA VAL B 313 25.64 -27.57 -19.62
C VAL B 313 25.49 -26.12 -20.08
N PRO B 314 24.25 -25.61 -20.16
CA PRO B 314 24.04 -24.23 -20.54
C PRO B 314 24.89 -23.24 -19.77
N ARG B 315 25.36 -22.21 -20.47
CA ARG B 315 26.21 -21.16 -19.92
C ARG B 315 25.66 -19.85 -20.47
N TYR B 316 25.73 -18.78 -19.68
CA TYR B 316 25.03 -17.51 -19.99
C TYR B 316 25.96 -16.29 -20.14
N SER B 317 27.23 -16.50 -19.84
CA SER B 317 28.24 -15.48 -20.06
C SER B 317 29.63 -16.07 -20.34
O1 UNL C . -5.50 18.27 7.66
O2 UNL C . -4.16 16.38 8.33
O3 UNL C . -5.83 14.14 8.13
O4 UNL C . -7.73 13.71 8.86
O5 UNL C . -8.76 15.21 7.02
O1 UNL D . 10.35 -14.42 -6.63
#